data_3EKL
#
_entry.id   3EKL
#
_cell.length_a   61.285
_cell.length_b   120.227
_cell.length_c   164.823
_cell.angle_alpha   90.00
_cell.angle_beta   90.00
_cell.angle_gamma   90.00
#
_symmetry.space_group_name_H-M   'I 2 2 2'
#
loop_
_entity.id
_entity.type
_entity.pdbx_description
1 polymer 'Fructose-bisphosphate aldolase'
2 non-polymer 1,3-DIHYDROXYACETONEPHOSPHATE
3 non-polymer 'ZINC ION'
4 non-polymer 'SODIUM ION'
5 water water
#
_entity_poly.entity_id   1
_entity_poly.type   'polypeptide(L)'
_entity_poly.pdbx_seq_one_letter_code
;MPIATPEVYAEMLGQAKQNSYAFPAINCTSSETVNAAIKGFADAGSDGIIQFSTGGAEFGSGLGVKDMVTGAVALAEFTH
VIAAKYPVNVALHTDHCPKDKLDSYVRPLLAISAQRVSKGGNPLFQSHMWDGSAVPIDENLAIAQELLKAAAAAKIILEI
EIGVVGGEEDGVANEINEKLYTSPEDFEKTIEALGAGEHGKYLLAATFGNVHGVYKPGNVKLRPDILAQGQQVAAAKLGL
PADAKPFDFVFHGGSGSLKSEIEEALRYGVVKMNVDTDTQYAFTRPIAGHMFTNYDGVLKVDGEVGVKKVYDPRSYLKKA
EASMSQRVVQACNDLHCAGKSLTHHHHHH
;
_entity_poly.pdbx_strand_id   A
#
loop_
_chem_comp.id
_chem_comp.type
_chem_comp.name
_chem_comp.formula
13P non-polymer 1,3-DIHYDROXYACETONEPHOSPHATE 'C3 H7 O6 P'
NA non-polymer 'SODIUM ION' 'Na 1'
ZN non-polymer 'ZINC ION' 'Zn 2'
#
# COMPACT_ATOMS: atom_id res chain seq x y z
N PRO A 2 -7.24 12.85 -9.32
CA PRO A 2 -8.13 13.03 -8.15
C PRO A 2 -7.96 11.92 -7.13
N ILE A 3 -8.42 12.13 -5.90
CA ILE A 3 -8.59 11.00 -4.98
C ILE A 3 -9.58 10.02 -5.63
N ALA A 4 -9.30 8.72 -5.50
CA ALA A 4 -10.24 7.70 -5.98
C ALA A 4 -11.53 7.77 -5.17
N THR A 5 -12.67 7.89 -5.85
CA THR A 5 -13.95 7.67 -5.19
C THR A 5 -14.05 6.17 -4.89
N PRO A 6 -14.96 5.78 -3.96
CA PRO A 6 -15.14 4.35 -3.73
C PRO A 6 -15.48 3.59 -5.01
N GLU A 7 -16.26 4.20 -5.89
CA GLU A 7 -16.67 3.56 -7.13
C GLU A 7 -15.47 3.38 -8.06
N VAL A 8 -14.61 4.48 -8.17
N VAL A 8 -14.65 4.42 -8.16
CA VAL A 8 -13.46 4.27 -9.04
CA VAL A 8 -13.45 4.35 -8.99
C VAL A 8 -12.42 3.31 -8.46
C VAL A 8 -12.46 3.32 -8.44
N TYR A 9 -12.30 3.26 -7.12
CA TYR A 9 -11.36 2.31 -6.52
C TYR A 9 -11.81 0.87 -6.76
N ALA A 10 -13.09 0.61 -6.62
CA ALA A 10 -13.61 -0.74 -6.87
C ALA A 10 -13.40 -1.07 -8.34
N GLU A 11 -13.60 -0.09 -9.24
CA GLU A 11 -13.38 -0.31 -10.66
C GLU A 11 -11.90 -0.57 -10.94
N MET A 12 -11.02 0.19 -10.30
CA MET A 12 -9.57 -0.03 -10.42
C MET A 12 -9.20 -1.48 -10.11
N LEU A 13 -9.65 -1.95 -8.95
CA LEU A 13 -9.29 -3.29 -8.49
C LEU A 13 -9.90 -4.36 -9.39
N GLY A 14 -11.12 -4.12 -9.87
CA GLY A 14 -11.79 -5.05 -10.77
C GLY A 14 -11.09 -5.15 -12.11
N GLN A 15 -10.62 -4.01 -12.61
CA GLN A 15 -9.89 -3.99 -13.87
C GLN A 15 -8.54 -4.69 -13.75
N ALA A 16 -7.84 -4.43 -12.64
CA ALA A 16 -6.54 -5.05 -12.38
C ALA A 16 -6.72 -6.57 -12.34
N LYS A 17 -7.71 -7.03 -11.58
CA LYS A 17 -7.97 -8.46 -11.45
C LYS A 17 -8.29 -9.11 -12.79
N GLN A 18 -9.17 -8.46 -13.55
CA GLN A 18 -9.63 -8.98 -14.84
C GLN A 18 -8.49 -9.13 -15.85
N ASN A 19 -7.51 -8.23 -15.73
CA ASN A 19 -6.42 -8.12 -16.69
C ASN A 19 -5.07 -8.57 -16.14
N SER A 20 -5.09 -9.19 -14.96
CA SER A 20 -3.88 -9.74 -14.32
C SER A 20 -2.76 -8.72 -14.13
N TYR A 21 -3.12 -7.52 -13.70
CA TYR A 21 -2.12 -6.54 -13.24
C TYR A 21 -2.42 -6.11 -11.82
N ALA A 22 -1.54 -5.29 -11.24
CA ALA A 22 -1.71 -4.84 -9.86
C ALA A 22 -1.28 -3.40 -9.71
N PHE A 23 -1.65 -2.79 -8.59
CA PHE A 23 -1.22 -1.43 -8.27
C PHE A 23 -0.18 -1.45 -7.16
N PRO A 24 0.78 -0.52 -7.23
N PRO A 24 0.81 -0.54 -7.23
CA PRO A 24 1.66 -0.35 -6.10
CA PRO A 24 1.71 -0.40 -6.09
C PRO A 24 0.90 0.33 -4.97
C PRO A 24 1.05 0.40 -4.97
N ALA A 25 1.20 -0.09 -3.74
CA ALA A 25 0.70 0.61 -2.56
C ALA A 25 1.94 1.10 -1.83
N ILE A 26 2.17 2.40 -1.91
CA ILE A 26 3.44 2.98 -1.44
C ILE A 26 3.29 3.53 -0.03
N ASN A 27 4.14 3.04 0.90
CA ASN A 27 4.09 3.58 2.24
C ASN A 27 4.66 4.98 2.25
N CYS A 28 3.89 5.93 2.80
CA CYS A 28 4.31 7.33 2.88
C CYS A 28 4.23 7.81 4.32
N THR A 29 4.97 8.88 4.62
CA THR A 29 5.15 9.34 6.00
C THR A 29 5.12 10.84 6.13
N SER A 30 4.91 11.55 5.01
CA SER A 30 5.16 12.98 4.98
C SER A 30 4.59 13.60 3.72
N SER A 31 4.54 14.93 3.71
CA SER A 31 4.18 15.67 2.50
C SER A 31 5.12 15.31 1.35
N GLU A 32 6.42 15.20 1.61
CA GLU A 32 7.37 14.95 0.51
C GLU A 32 7.18 13.57 -0.10
N THR A 33 6.98 12.58 0.76
CA THR A 33 6.83 11.20 0.27
C THR A 33 5.47 11.01 -0.42
N VAL A 34 4.39 11.59 0.11
CA VAL A 34 3.11 11.59 -0.63
C VAL A 34 3.31 12.22 -2.02
N ASN A 35 3.97 13.37 -2.07
CA ASN A 35 4.19 14.07 -3.34
C ASN A 35 4.97 13.18 -4.31
N ALA A 36 5.98 12.49 -3.77
CA ALA A 36 6.83 11.64 -4.61
C ALA A 36 6.03 10.47 -5.17
N ALA A 37 5.19 9.87 -4.33
CA ALA A 37 4.39 8.72 -4.75
C ALA A 37 3.39 9.12 -5.84
N ILE A 38 2.64 10.19 -5.62
CA ILE A 38 1.65 10.61 -6.62
C ILE A 38 2.30 11.02 -7.96
N LYS A 39 3.42 11.75 -7.91
CA LYS A 39 4.14 12.12 -9.14
C LYS A 39 4.62 10.86 -9.87
N GLY A 40 5.00 9.83 -9.11
CA GLY A 40 5.39 8.54 -9.71
C GLY A 40 4.21 7.91 -10.46
N PHE A 41 3.05 7.84 -9.83
CA PHE A 41 1.88 7.31 -10.52
C PHE A 41 1.61 8.11 -11.78
N ALA A 42 1.62 9.43 -11.67
CA ALA A 42 1.28 10.28 -12.80
C ALA A 42 2.29 10.12 -13.93
N ASP A 43 3.57 10.05 -13.58
CA ASP A 43 4.61 9.89 -14.61
C ASP A 43 4.48 8.55 -15.33
N ALA A 44 3.94 7.56 -14.62
CA ALA A 44 3.70 6.24 -15.20
C ALA A 44 2.35 6.13 -15.90
N GLY A 45 1.56 7.20 -15.91
CA GLY A 45 0.19 7.13 -16.45
C GLY A 45 -0.65 6.08 -15.74
N SER A 46 -0.47 5.98 -14.42
CA SER A 46 -1.05 4.91 -13.62
C SER A 46 -1.89 5.43 -12.46
N ASP A 47 -2.92 4.69 -12.10
CA ASP A 47 -3.56 4.89 -10.80
C ASP A 47 -2.68 4.24 -9.72
N GLY A 48 -2.94 4.53 -8.45
CA GLY A 48 -2.08 3.97 -7.42
C GLY A 48 -2.64 4.18 -6.04
N ILE A 49 -1.97 3.58 -5.06
CA ILE A 49 -2.42 3.59 -3.68
C ILE A 49 -1.33 4.17 -2.78
N ILE A 50 -1.73 5.11 -1.92
N ILE A 50 -1.76 5.10 -1.92
CA ILE A 50 -0.83 5.61 -0.88
CA ILE A 50 -0.94 5.69 -0.86
C ILE A 50 -1.32 5.08 0.46
C ILE A 50 -1.35 4.99 0.44
N GLN A 51 -0.40 4.49 1.22
CA GLN A 51 -0.75 3.89 2.51
C GLN A 51 0.06 4.41 3.67
N PHE A 52 -0.58 4.49 4.84
CA PHE A 52 0.09 4.93 6.07
C PHE A 52 0.09 3.78 7.08
N SER A 53 1.28 3.39 7.55
CA SER A 53 1.39 2.41 8.62
C SER A 53 1.11 3.09 9.96
N THR A 54 0.95 2.29 11.01
CA THR A 54 0.78 2.85 12.36
C THR A 54 1.98 3.74 12.71
N GLY A 55 3.18 3.27 12.43
CA GLY A 55 4.39 4.05 12.72
C GLY A 55 4.50 5.27 11.82
N GLY A 56 4.14 5.13 10.55
CA GLY A 56 4.16 6.27 9.63
C GLY A 56 3.19 7.35 10.08
N ALA A 57 1.99 6.92 10.49
CA ALA A 57 0.99 7.87 11.00
C ALA A 57 1.48 8.57 12.28
N GLU A 58 2.06 7.82 13.21
N GLU A 58 2.07 7.82 13.21
CA GLU A 58 2.63 8.41 14.42
CA GLU A 58 2.64 8.40 14.44
C GLU A 58 3.67 9.47 14.04
C GLU A 58 3.77 9.39 14.15
N PHE A 59 4.56 9.10 13.12
CA PHE A 59 5.60 10.02 12.66
C PHE A 59 4.97 11.27 12.04
N GLY A 60 3.94 11.05 11.22
CA GLY A 60 3.24 12.17 10.56
C GLY A 60 2.61 13.15 11.52
N SER A 61 2.26 12.67 12.72
CA SER A 61 1.61 13.53 13.72
C SER A 61 2.60 14.40 14.48
N GLY A 62 3.90 14.11 14.32
CA GLY A 62 4.96 14.86 14.99
C GLY A 62 5.33 14.32 16.36
N LEU A 63 6.56 14.60 16.80
CA LEU A 63 7.07 14.12 18.09
C LEU A 63 6.30 14.68 19.28
N GLY A 64 5.62 15.82 19.04
CA GLY A 64 4.84 16.46 20.08
C GLY A 64 3.44 15.91 20.28
N VAL A 65 3.06 14.98 19.40
CA VAL A 65 1.71 14.41 19.42
C VAL A 65 1.73 12.89 19.50
N LYS A 66 2.44 12.25 18.57
CA LYS A 66 2.56 10.78 18.52
C LYS A 66 1.20 10.09 18.63
N ASP A 67 0.29 10.50 17.75
CA ASP A 67 -1.05 9.94 17.71
C ASP A 67 -1.36 9.48 16.30
N MET A 68 -1.68 8.19 16.18
CA MET A 68 -1.89 7.58 14.87
C MET A 68 -3.05 8.21 14.09
N VAL A 69 -4.18 8.42 14.78
CA VAL A 69 -5.33 8.99 14.07
C VAL A 69 -4.99 10.40 13.56
N THR A 70 -4.38 11.22 14.43
CA THR A 70 -4.04 12.58 14.02
C THR A 70 -3.12 12.59 12.80
N GLY A 71 -2.09 11.73 12.82
CA GLY A 71 -1.14 11.70 11.70
C GLY A 71 -1.79 11.22 10.40
N ALA A 72 -2.62 10.18 10.51
CA ALA A 72 -3.31 9.68 9.33
C ALA A 72 -4.30 10.69 8.75
N VAL A 73 -5.06 11.37 9.62
CA VAL A 73 -6.00 12.37 9.15
C VAL A 73 -5.26 13.57 8.54
N ALA A 74 -4.22 14.03 9.20
CA ALA A 74 -3.49 15.20 8.70
C ALA A 74 -2.87 14.90 7.32
N LEU A 75 -2.23 13.73 7.21
CA LEU A 75 -1.64 13.35 5.93
C LEU A 75 -2.71 13.08 4.87
N ALA A 76 -3.83 12.48 5.27
CA ALA A 76 -4.93 12.28 4.32
C ALA A 76 -5.48 13.61 3.80
N GLU A 77 -5.66 14.59 4.69
CA GLU A 77 -6.19 15.89 4.25
C GLU A 77 -5.22 16.57 3.29
N PHE A 78 -3.93 16.51 3.59
CA PHE A 78 -2.91 17.01 2.69
C PHE A 78 -3.05 16.32 1.33
N THR A 79 -3.13 14.98 1.35
CA THR A 79 -3.20 14.20 0.10
C THR A 79 -4.45 14.54 -0.72
N HIS A 80 -5.59 14.80 -0.06
CA HIS A 80 -6.79 15.18 -0.82
C HIS A 80 -6.58 16.45 -1.65
N VAL A 81 -5.87 17.43 -1.09
CA VAL A 81 -5.63 18.67 -1.82
C VAL A 81 -4.69 18.41 -3.00
N ILE A 82 -3.62 17.66 -2.75
CA ILE A 82 -2.63 17.40 -3.81
C ILE A 82 -3.21 16.57 -4.95
N ALA A 83 -3.90 15.47 -4.59
CA ALA A 83 -4.35 14.52 -5.63
C ALA A 83 -5.34 15.15 -6.59
N ALA A 84 -6.06 16.18 -6.15
CA ALA A 84 -7.00 16.89 -7.02
C ALA A 84 -6.32 17.53 -8.23
N LYS A 85 -5.00 17.74 -8.15
CA LYS A 85 -4.25 18.40 -9.20
C LYS A 85 -3.57 17.44 -10.18
N TYR A 86 -3.84 16.14 -10.03
CA TYR A 86 -3.28 15.13 -10.93
C TYR A 86 -4.37 14.37 -11.67
N PRO A 87 -4.11 14.01 -12.93
N PRO A 87 -4.11 14.03 -12.95
CA PRO A 87 -5.16 13.35 -13.72
CA PRO A 87 -5.02 13.28 -13.82
C PRO A 87 -5.49 11.92 -13.30
C PRO A 87 -4.85 11.76 -13.74
N VAL A 88 -4.61 11.28 -12.53
CA VAL A 88 -4.71 9.84 -12.21
C VAL A 88 -5.48 9.68 -10.90
N ASN A 89 -5.96 8.47 -10.62
CA ASN A 89 -6.72 8.21 -9.40
C ASN A 89 -5.81 7.69 -8.31
N VAL A 90 -5.92 8.32 -7.14
CA VAL A 90 -5.09 8.02 -5.98
C VAL A 90 -5.98 7.56 -4.83
N ALA A 91 -5.80 6.31 -4.41
CA ALA A 91 -6.56 5.76 -3.28
C ALA A 91 -5.72 5.84 -2.01
N LEU A 92 -6.39 6.14 -0.90
CA LEU A 92 -5.76 6.19 0.42
C LEU A 92 -6.09 4.95 1.26
N HIS A 93 -5.07 4.39 1.88
CA HIS A 93 -5.17 3.11 2.62
C HIS A 93 -4.42 3.22 3.93
N THR A 94 -4.86 2.47 4.94
CA THR A 94 -4.03 2.29 6.14
C THR A 94 -3.50 0.86 6.21
N ASP A 95 -2.22 0.74 6.59
CA ASP A 95 -1.48 -0.53 6.61
C ASP A 95 -1.64 -1.25 7.98
N HIS A 96 -1.03 -2.43 8.12
CA HIS A 96 -1.17 -3.33 9.30
C HIS A 96 -1.68 -2.70 10.60
N CYS A 97 -2.87 -3.09 11.02
CA CYS A 97 -3.39 -2.70 12.31
C CYS A 97 -3.77 -3.94 13.10
N PRO A 98 -2.97 -4.29 14.13
CA PRO A 98 -3.28 -5.50 14.93
C PRO A 98 -4.40 -5.24 15.93
N LYS A 99 -4.79 -6.31 16.64
CA LYS A 99 -5.97 -6.25 17.51
C LYS A 99 -5.89 -5.12 18.53
N ASP A 100 -4.73 -4.92 19.14
CA ASP A 100 -4.62 -3.95 20.23
C ASP A 100 -4.52 -2.50 19.75
N LYS A 101 -4.52 -2.31 18.44
CA LYS A 101 -4.53 -0.95 17.88
C LYS A 101 -5.81 -0.59 17.13
N LEU A 102 -6.74 -1.55 17.01
CA LEU A 102 -8.00 -1.26 16.31
C LEU A 102 -8.74 -0.08 16.94
N ASP A 103 -8.77 -0.01 18.26
CA ASP A 103 -9.52 1.04 18.95
C ASP A 103 -8.86 2.41 18.82
N SER A 104 -7.58 2.45 18.44
CA SER A 104 -6.85 3.72 18.34
C SER A 104 -6.35 4.02 16.92
N TYR A 105 -6.81 3.26 15.94
CA TYR A 105 -6.43 3.55 14.56
C TYR A 105 -7.61 3.28 13.63
N VAL A 106 -7.85 2.02 13.29
CA VAL A 106 -8.86 1.71 12.27
C VAL A 106 -10.28 2.10 12.67
N ARG A 107 -10.70 1.75 13.89
N ARG A 107 -10.69 1.77 13.90
CA ARG A 107 -12.07 2.06 14.30
CA ARG A 107 -12.06 2.06 14.30
C ARG A 107 -12.37 3.57 14.29
C ARG A 107 -12.39 3.56 14.34
N PRO A 108 -11.54 4.39 14.97
CA PRO A 108 -11.80 5.84 14.87
C PRO A 108 -11.77 6.40 13.45
N LEU A 109 -10.87 5.91 12.61
CA LEU A 109 -10.85 6.36 11.22
C LEU A 109 -12.12 5.91 10.48
N LEU A 110 -12.58 4.69 10.73
CA LEU A 110 -13.83 4.23 10.13
C LEU A 110 -14.98 5.15 10.55
N ALA A 111 -15.00 5.55 11.82
CA ALA A 111 -16.05 6.41 12.34
C ALA A 111 -16.05 7.78 11.65
N ILE A 112 -14.85 8.31 11.38
CA ILE A 112 -14.75 9.58 10.67
C ILE A 112 -15.38 9.46 9.28
N SER A 113 -15.05 8.38 8.57
CA SER A 113 -15.61 8.17 7.24
C SER A 113 -17.10 7.90 7.27
N ALA A 114 -17.56 7.14 8.25
CA ALA A 114 -19.00 6.88 8.40
C ALA A 114 -19.78 8.18 8.55
N GLN A 115 -19.24 9.15 9.30
N GLN A 115 -19.23 9.13 9.32
CA GLN A 115 -19.94 10.43 9.46
CA GLN A 115 -19.83 10.45 9.50
C GLN A 115 -19.90 11.29 8.18
C GLN A 115 -19.92 11.19 8.16
N ARG A 116 -18.81 11.18 7.40
CA ARG A 116 -18.75 11.84 6.09
C ARG A 116 -19.80 11.26 5.14
N VAL A 117 -19.92 9.94 5.13
CA VAL A 117 -20.87 9.24 4.27
C VAL A 117 -22.32 9.68 4.66
N SER A 118 -22.52 10.02 5.92
CA SER A 118 -23.90 9.92 6.44
C SER A 118 -24.42 11.31 6.05
N LYS A 119 -23.50 12.20 5.70
CA LYS A 119 -23.77 13.56 5.26
C LYS A 119 -23.71 13.67 3.74
N GLY A 120 -23.60 12.53 3.06
CA GLY A 120 -23.61 12.50 1.59
C GLY A 120 -22.26 12.63 0.92
N GLY A 121 -21.19 12.58 1.70
CA GLY A 121 -19.84 12.64 1.16
C GLY A 121 -19.23 11.27 0.95
N ASN A 122 -17.94 11.27 0.62
CA ASN A 122 -17.18 10.04 0.48
C ASN A 122 -16.23 9.84 1.66
N PRO A 123 -15.80 8.59 1.90
CA PRO A 123 -14.90 8.31 3.02
C PRO A 123 -13.55 9.00 2.86
N LEU A 124 -12.89 9.25 3.98
CA LEU A 124 -11.58 9.89 3.98
C LEU A 124 -10.50 8.97 3.40
N PHE A 125 -10.53 7.71 3.85
CA PHE A 125 -9.74 6.61 3.30
C PHE A 125 -10.62 5.69 2.47
N GLN A 126 -10.04 5.07 1.46
CA GLN A 126 -10.81 4.16 0.61
C GLN A 126 -10.63 2.68 0.98
N SER A 127 -9.60 2.38 1.76
CA SER A 127 -9.44 1.05 2.34
C SER A 127 -8.68 1.10 3.66
N HIS A 128 -8.95 0.12 4.52
CA HIS A 128 -8.25 -0.04 5.81
C HIS A 128 -7.82 -1.47 5.96
N MET A 129 -6.62 -1.68 6.52
CA MET A 129 -6.16 -3.04 6.85
C MET A 129 -6.41 -3.44 8.29
N TRP A 130 -7.07 -4.58 8.45
CA TRP A 130 -7.17 -5.32 9.70
C TRP A 130 -6.14 -6.44 9.61
N ASP A 131 -5.09 -6.39 10.42
CA ASP A 131 -4.10 -7.47 10.42
C ASP A 131 -4.30 -8.34 11.66
N GLY A 132 -5.05 -9.43 11.49
CA GLY A 132 -5.37 -10.34 12.58
C GLY A 132 -4.54 -11.61 12.55
N SER A 133 -3.45 -11.57 11.78
CA SER A 133 -2.61 -12.76 11.60
C SER A 133 -2.01 -13.32 12.91
N ALA A 134 -1.88 -12.46 13.92
CA ALA A 134 -1.31 -12.90 15.20
C ALA A 134 -2.32 -13.56 16.15
N VAL A 135 -3.60 -13.60 15.76
CA VAL A 135 -4.61 -14.30 16.55
C VAL A 135 -5.14 -15.51 15.78
N PRO A 136 -5.79 -16.46 16.47
CA PRO A 136 -6.34 -17.65 15.80
C PRO A 136 -7.28 -17.29 14.66
N ILE A 137 -7.29 -18.12 13.62
CA ILE A 137 -8.06 -17.83 12.40
C ILE A 137 -9.54 -17.51 12.66
N ASP A 138 -10.18 -18.24 13.56
CA ASP A 138 -11.60 -17.99 13.82
C ASP A 138 -11.83 -16.62 14.44
N GLU A 139 -10.97 -16.22 15.39
CA GLU A 139 -11.05 -14.87 15.95
C GLU A 139 -10.75 -13.78 14.90
N ASN A 140 -9.72 -14.02 14.11
CA ASN A 140 -9.36 -13.12 13.02
C ASN A 140 -10.59 -12.85 12.14
N LEU A 141 -11.26 -13.92 11.74
CA LEU A 141 -12.38 -13.79 10.80
C LEU A 141 -13.65 -13.29 11.46
N ALA A 142 -13.79 -13.48 12.77
CA ALA A 142 -14.92 -12.92 13.51
C ALA A 142 -14.81 -11.39 13.51
N ILE A 143 -13.62 -10.90 13.84
CA ILE A 143 -13.36 -9.46 13.79
C ILE A 143 -13.50 -8.96 12.35
N ALA A 144 -12.97 -9.72 11.40
CA ALA A 144 -13.06 -9.32 10.00
C ALA A 144 -14.50 -9.18 9.52
N GLN A 145 -15.37 -10.10 9.93
CA GLN A 145 -16.74 -10.08 9.49
C GLN A 145 -17.45 -8.79 9.95
N GLU A 146 -17.23 -8.39 11.21
CA GLU A 146 -17.88 -7.18 11.72
C GLU A 146 -17.25 -5.92 11.12
N LEU A 147 -15.92 -5.94 10.96
CA LEU A 147 -15.26 -4.79 10.32
C LEU A 147 -15.67 -4.64 8.85
N LEU A 148 -15.89 -5.75 8.16
CA LEU A 148 -16.30 -5.70 6.76
C LEU A 148 -17.68 -5.02 6.63
N LYS A 149 -18.60 -5.36 7.53
CA LYS A 149 -19.92 -4.75 7.51
C LYS A 149 -19.79 -3.24 7.71
N ALA A 150 -18.99 -2.84 8.70
CA ALA A 150 -18.79 -1.42 8.99
C ALA A 150 -18.09 -0.70 7.83
N ALA A 151 -17.05 -1.33 7.27
CA ALA A 151 -16.31 -0.74 6.15
C ALA A 151 -17.20 -0.56 4.92
N ALA A 152 -17.89 -1.62 4.54
CA ALA A 152 -18.77 -1.56 3.37
C ALA A 152 -19.83 -0.45 3.53
N ALA A 153 -20.35 -0.28 4.74
CA ALA A 153 -21.38 0.75 4.97
C ALA A 153 -20.83 2.16 4.84
N ALA A 154 -19.51 2.29 5.01
CA ALA A 154 -18.81 3.58 4.86
C ALA A 154 -18.14 3.69 3.49
N LYS A 155 -18.48 2.78 2.58
CA LYS A 155 -17.93 2.76 1.21
C LYS A 155 -16.40 2.52 1.19
N ILE A 156 -15.96 1.66 2.10
CA ILE A 156 -14.54 1.36 2.29
C ILE A 156 -14.30 -0.13 2.09
N ILE A 157 -13.19 -0.45 1.42
CA ILE A 157 -12.76 -1.84 1.21
C ILE A 157 -11.86 -2.27 2.38
N LEU A 158 -12.05 -3.49 2.87
CA LEU A 158 -11.25 -4.00 4.00
C LEU A 158 -10.16 -4.92 3.46
N GLU A 159 -8.92 -4.69 3.89
CA GLU A 159 -7.86 -5.66 3.67
C GLU A 159 -7.67 -6.46 4.95
N ILE A 160 -7.54 -7.78 4.81
CA ILE A 160 -7.27 -8.67 5.95
C ILE A 160 -6.02 -9.50 5.66
N GLU A 161 -5.49 -10.17 6.69
CA GLU A 161 -4.30 -10.99 6.52
C GLU A 161 -4.50 -12.31 7.23
N ILE A 162 -4.24 -13.38 6.48
CA ILE A 162 -4.14 -14.73 7.02
C ILE A 162 -2.69 -15.18 6.74
N GLY A 163 -2.03 -15.68 7.76
CA GLY A 163 -0.58 -15.93 7.69
C GLY A 163 0.21 -14.71 8.10
N VAL A 164 1.43 -14.93 8.59
CA VAL A 164 2.28 -13.86 9.11
C VAL A 164 3.32 -13.44 8.06
N VAL A 165 3.52 -12.13 7.91
CA VAL A 165 4.63 -11.63 7.09
C VAL A 165 5.86 -11.50 7.99
N GLY A 166 6.96 -12.10 7.55
CA GLY A 166 8.22 -12.05 8.28
C GLY A 166 8.90 -10.69 8.21
N GLY A 167 9.99 -10.55 8.95
CA GLY A 167 10.78 -9.31 8.97
C GLY A 167 10.30 -8.28 9.96
N LEU A 180 5.41 -16.54 6.83
CA LEU A 180 5.09 -17.95 6.65
C LEU A 180 4.03 -18.19 5.57
N TYR A 181 3.53 -19.42 5.51
CA TYR A 181 2.68 -19.87 4.40
C TYR A 181 1.26 -20.21 4.83
N THR A 182 0.28 -19.56 4.19
CA THR A 182 -1.14 -19.73 4.50
C THR A 182 -1.65 -21.16 4.26
N SER A 183 -2.51 -21.63 5.16
CA SER A 183 -3.04 -22.99 5.11
CA SER A 183 -3.05 -22.99 5.12
C SER A 183 -4.32 -23.10 4.27
N PRO A 184 -4.54 -24.27 3.62
CA PRO A 184 -5.79 -24.48 2.86
C PRO A 184 -7.10 -24.26 3.63
N GLU A 185 -7.15 -24.67 4.89
CA GLU A 185 -8.37 -24.47 5.68
C GLU A 185 -8.61 -23.00 6.00
N ASP A 186 -7.54 -22.21 6.10
CA ASP A 186 -7.67 -20.77 6.30
C ASP A 186 -8.35 -20.10 5.10
N PHE A 187 -7.98 -20.54 3.89
CA PHE A 187 -8.66 -20.07 2.67
C PHE A 187 -10.15 -20.42 2.68
N GLU A 188 -10.46 -21.67 3.02
N GLU A 188 -10.49 -21.66 3.03
CA GLU A 188 -11.85 -22.13 3.08
CA GLU A 188 -11.90 -22.07 3.03
C GLU A 188 -12.68 -21.32 4.09
C GLU A 188 -12.73 -21.37 4.12
N LYS A 189 -12.13 -21.16 5.30
CA LYS A 189 -12.80 -20.38 6.35
C LYS A 189 -13.05 -18.94 5.90
N THR A 190 -12.08 -18.36 5.19
CA THR A 190 -12.21 -17.00 4.72
C THR A 190 -13.42 -16.86 3.79
N ILE A 191 -13.56 -17.74 2.81
CA ILE A 191 -14.72 -17.69 1.92
C ILE A 191 -16.02 -17.93 2.67
N GLU A 192 -16.00 -18.89 3.59
CA GLU A 192 -17.20 -19.18 4.35
C GLU A 192 -17.66 -18.00 5.18
N ALA A 193 -16.72 -17.30 5.82
CA ALA A 193 -17.07 -16.22 6.74
C ALA A 193 -17.46 -14.92 6.02
N LEU A 194 -16.89 -14.69 4.84
CA LEU A 194 -16.92 -13.36 4.23
C LEU A 194 -17.54 -13.37 2.84
N GLY A 195 -17.70 -14.55 2.26
CA GLY A 195 -18.16 -14.63 0.87
C GLY A 195 -17.07 -14.21 -0.10
N ALA A 196 -17.47 -13.77 -1.28
CA ALA A 196 -16.53 -13.46 -2.36
C ALA A 196 -16.74 -12.05 -2.92
N GLY A 197 -17.19 -11.14 -2.07
CA GLY A 197 -17.36 -9.75 -2.47
C GLY A 197 -18.79 -9.28 -2.35
N GLU A 198 -19.73 -10.22 -2.30
CA GLU A 198 -21.15 -9.85 -2.33
C GLU A 198 -21.64 -9.28 -1.00
N HIS A 199 -20.81 -9.40 0.05
CA HIS A 199 -21.11 -8.77 1.35
C HIS A 199 -20.18 -7.59 1.61
N GLY A 200 -19.60 -7.08 0.55
CA GLY A 200 -18.58 -6.04 0.66
C GLY A 200 -17.26 -6.56 0.14
N LYS A 201 -16.58 -5.74 -0.66
CA LYS A 201 -15.28 -6.11 -1.20
C LYS A 201 -14.22 -6.15 -0.10
N TYR A 202 -13.39 -7.19 -0.15
CA TYR A 202 -12.22 -7.27 0.72
C TYR A 202 -11.01 -7.73 -0.07
N LEU A 203 -9.84 -7.33 0.42
CA LEU A 203 -8.57 -7.74 -0.16
C LEU A 203 -7.92 -8.69 0.83
N LEU A 204 -7.29 -9.75 0.31
CA LEU A 204 -6.73 -10.79 1.14
C LEU A 204 -5.20 -10.84 1.04
N ALA A 205 -4.53 -10.49 2.13
CA ALA A 205 -3.10 -10.66 2.22
C ALA A 205 -2.89 -12.07 2.72
N ALA A 206 -2.81 -12.99 1.78
CA ALA A 206 -2.47 -14.35 2.08
C ALA A 206 -0.98 -14.46 1.90
N THR A 207 -0.29 -14.77 2.99
CA THR A 207 1.16 -14.80 2.95
C THR A 207 1.68 -16.11 2.35
N PHE A 208 2.76 -16.00 1.59
CA PHE A 208 3.31 -17.11 0.85
C PHE A 208 4.83 -17.03 0.88
N GLY A 209 5.37 -16.69 2.05
CA GLY A 209 6.81 -16.54 2.24
C GLY A 209 7.30 -15.10 2.21
N ASN A 210 6.36 -14.15 2.17
CA ASN A 210 6.67 -12.71 2.14
C ASN A 210 7.42 -12.27 3.37
N VAL A 211 8.37 -11.37 3.17
CA VAL A 211 9.12 -10.77 4.25
C VAL A 211 9.20 -9.26 4.00
N HIS A 212 8.92 -8.47 5.04
CA HIS A 212 9.17 -7.03 5.01
C HIS A 212 10.67 -6.78 5.06
N GLY A 213 11.18 -5.93 4.16
CA GLY A 213 12.62 -5.60 4.12
C GLY A 213 13.30 -5.97 2.82
N VAL A 214 14.59 -5.69 2.71
CA VAL A 214 15.36 -6.03 1.52
C VAL A 214 16.63 -6.78 1.89
N TYR A 215 16.74 -7.99 1.36
CA TYR A 215 17.86 -8.89 1.65
C TYR A 215 18.53 -9.33 0.35
N LYS A 216 19.68 -9.98 0.46
CA LYS A 216 20.36 -10.59 -0.68
C LYS A 216 19.56 -11.79 -1.20
N PRO A 217 19.72 -12.14 -2.50
CA PRO A 217 18.99 -13.27 -3.09
C PRO A 217 19.30 -14.60 -2.41
N GLY A 218 18.29 -15.47 -2.34
CA GLY A 218 18.44 -16.78 -1.71
C GLY A 218 17.90 -16.83 -0.29
N ASN A 219 17.72 -15.66 0.31
CA ASN A 219 17.18 -15.53 1.66
C ASN A 219 15.67 -15.71 1.67
N VAL A 220 14.97 -14.76 1.05
CA VAL A 220 13.52 -14.79 0.93
CA VAL A 220 13.51 -14.79 0.94
C VAL A 220 13.08 -15.90 -0.03
N LYS A 221 12.18 -16.76 0.41
N LYS A 221 12.18 -16.75 0.42
CA LYS A 221 11.74 -17.92 -0.38
CA LYS A 221 11.73 -17.92 -0.36
C LYS A 221 10.23 -17.88 -0.61
C LYS A 221 10.23 -17.89 -0.61
N LEU A 222 9.82 -17.19 -1.67
CA LEU A 222 8.40 -17.06 -2.02
C LEU A 222 7.85 -18.33 -2.64
N ARG A 223 6.62 -18.67 -2.25
CA ARG A 223 5.93 -19.81 -2.85
C ARG A 223 4.55 -19.37 -3.38
N PRO A 224 4.53 -18.77 -4.59
CA PRO A 224 3.29 -18.28 -5.22
C PRO A 224 2.22 -19.35 -5.53
N ASP A 225 2.64 -20.64 -5.58
N ASP A 225 2.63 -20.63 -5.58
CA ASP A 225 1.69 -21.75 -5.81
CA ASP A 225 1.67 -21.73 -5.82
C ASP A 225 0.60 -21.80 -4.73
C ASP A 225 0.65 -21.83 -4.68
N ILE A 226 1.00 -21.22 -3.50
CA ILE A 226 0.08 -21.11 -2.36
C ILE A 226 -1.13 -20.26 -2.73
N LEU A 227 -0.89 -19.17 -3.45
CA LEU A 227 -1.98 -18.34 -3.94
C LEU A 227 -2.82 -19.07 -4.97
N ALA A 228 -2.16 -19.82 -5.85
CA ALA A 228 -2.85 -20.59 -6.86
C ALA A 228 -3.78 -21.61 -6.19
N GLN A 229 -3.25 -22.27 -5.17
CA GLN A 229 -4.01 -23.27 -4.40
C GLN A 229 -5.21 -22.62 -3.70
N GLY A 230 -5.00 -21.43 -3.14
CA GLY A 230 -6.08 -20.69 -2.49
C GLY A 230 -7.23 -20.36 -3.41
N GLN A 231 -6.93 -19.93 -4.63
CA GLN A 231 -7.97 -19.64 -5.63
C GLN A 231 -8.76 -20.90 -6.00
N GLN A 232 -8.06 -22.03 -6.12
N GLN A 232 -8.06 -22.03 -6.12
CA GLN A 232 -8.69 -23.30 -6.44
CA GLN A 232 -8.68 -23.32 -6.44
C GLN A 232 -9.59 -23.81 -5.31
C GLN A 232 -9.59 -23.80 -5.32
N VAL A 233 -9.11 -23.66 -4.08
CA VAL A 233 -9.87 -24.04 -2.88
C VAL A 233 -11.16 -23.21 -2.77
N ALA A 234 -11.04 -21.90 -2.98
CA ALA A 234 -12.19 -21.00 -3.00
C ALA A 234 -13.15 -21.32 -4.15
N ALA A 235 -12.60 -21.52 -5.35
CA ALA A 235 -13.42 -21.82 -6.52
C ALA A 235 -14.25 -23.07 -6.27
N ALA A 236 -13.63 -24.12 -5.70
CA ALA A 236 -14.33 -25.36 -5.39
C ALA A 236 -15.44 -25.14 -4.35
N LYS A 237 -15.13 -24.34 -3.34
N LYS A 237 -15.13 -24.36 -3.33
CA LYS A 237 -16.08 -24.02 -2.28
CA LYS A 237 -16.09 -24.03 -2.28
C LYS A 237 -17.32 -23.31 -2.82
C LYS A 237 -17.33 -23.36 -2.89
N LEU A 238 -17.09 -22.40 -3.77
CA LEU A 238 -18.15 -21.60 -4.39
C LEU A 238 -18.82 -22.27 -5.59
N GLY A 239 -18.37 -23.47 -5.94
CA GLY A 239 -18.91 -24.20 -7.10
C GLY A 239 -18.64 -23.49 -8.41
N LEU A 240 -17.45 -22.90 -8.52
CA LEU A 240 -17.01 -22.16 -9.70
C LEU A 240 -16.06 -23.02 -10.53
N PRO A 241 -15.82 -22.64 -11.80
CA PRO A 241 -14.82 -23.35 -12.61
C PRO A 241 -13.43 -23.32 -11.96
N ALA A 242 -12.61 -24.31 -12.28
CA ALA A 242 -11.30 -24.51 -11.64
C ALA A 242 -10.32 -23.35 -11.84
N ASP A 243 -10.58 -22.54 -12.87
CA ASP A 243 -9.70 -21.40 -13.19
C ASP A 243 -10.19 -20.07 -12.63
N ALA A 244 -11.28 -20.10 -11.86
CA ALA A 244 -11.81 -18.89 -11.22
C ALA A 244 -10.84 -18.35 -10.17
N LYS A 245 -10.86 -17.03 -10.01
N LYS A 245 -10.87 -17.03 -9.99
CA LYS A 245 -10.03 -16.35 -9.00
CA LYS A 245 -10.03 -16.36 -9.01
C LYS A 245 -10.91 -15.53 -8.06
C LYS A 245 -10.88 -15.53 -8.04
N PRO A 246 -11.54 -16.20 -7.07
CA PRO A 246 -12.45 -15.49 -6.15
C PRO A 246 -11.80 -14.46 -5.23
N PHE A 247 -10.51 -14.62 -4.93
CA PHE A 247 -9.80 -13.69 -4.04
C PHE A 247 -9.09 -12.59 -4.82
N ASP A 248 -9.11 -11.38 -4.26
CA ASP A 248 -8.22 -10.29 -4.67
C ASP A 248 -7.04 -10.27 -3.68
N PHE A 249 -5.85 -10.67 -4.13
CA PHE A 249 -4.73 -10.84 -3.21
C PHE A 249 -3.87 -9.59 -3.07
N VAL A 250 -3.24 -9.48 -1.89
CA VAL A 250 -2.27 -8.42 -1.61
C VAL A 250 -0.91 -9.07 -1.32
N PHE A 251 0.13 -8.53 -1.96
CA PHE A 251 1.50 -9.03 -1.88
C PHE A 251 2.27 -8.08 -0.95
N HIS A 252 2.49 -8.54 0.27
CA HIS A 252 3.26 -7.76 1.24
C HIS A 252 4.75 -7.96 1.07
N GLY A 253 5.52 -6.96 1.43
CA GLY A 253 6.97 -7.08 1.31
C GLY A 253 7.47 -7.12 -0.13
N GLY A 254 6.92 -6.26 -0.97
CA GLY A 254 7.22 -6.26 -2.41
C GLY A 254 8.64 -5.87 -2.76
N SER A 255 9.26 -5.02 -1.93
CA SER A 255 10.62 -4.56 -2.21
C SER A 255 11.60 -5.72 -2.28
N GLY A 256 12.59 -5.61 -3.16
CA GLY A 256 13.62 -6.64 -3.30
C GLY A 256 13.21 -7.89 -4.06
N SER A 257 11.95 -7.96 -4.48
CA SER A 257 11.43 -9.16 -5.17
C SER A 257 11.96 -9.29 -6.59
N LEU A 258 12.04 -10.54 -7.06
CA LEU A 258 12.40 -10.82 -8.44
C LEU A 258 11.24 -10.54 -9.38
N LYS A 259 11.56 -10.18 -10.61
N LYS A 259 11.53 -10.19 -10.62
CA LYS A 259 10.57 -9.97 -11.67
CA LYS A 259 10.50 -10.01 -11.64
C LYS A 259 9.70 -11.22 -11.87
C LYS A 259 9.66 -11.26 -11.82
N SER A 260 10.36 -12.36 -12.01
N SER A 260 10.34 -12.39 -12.01
CA SER A 260 9.67 -13.64 -12.19
CA SER A 260 9.67 -13.67 -12.19
C SER A 260 8.68 -13.95 -11.07
C SER A 260 8.69 -13.99 -11.06
N GLU A 261 9.03 -13.56 -9.84
CA GLU A 261 8.17 -13.76 -8.67
C GLU A 261 6.93 -12.87 -8.73
N ILE A 262 7.14 -11.60 -9.13
CA ILE A 262 6.03 -10.67 -9.29
C ILE A 262 5.07 -11.17 -10.38
N GLU A 263 5.61 -11.61 -11.51
CA GLU A 263 4.78 -12.13 -12.61
C GLU A 263 3.87 -13.29 -12.22
N GLU A 264 4.42 -14.26 -11.50
CA GLU A 264 3.65 -15.42 -11.08
C GLU A 264 2.53 -15.01 -10.11
N ALA A 265 2.86 -14.12 -9.18
CA ALA A 265 1.87 -13.63 -8.22
C ALA A 265 0.71 -12.92 -8.92
N LEU A 266 1.02 -12.12 -9.95
CA LEU A 266 0.00 -11.44 -10.75
C LEU A 266 -0.95 -12.44 -11.41
N ARG A 267 -0.38 -13.51 -11.94
CA ARG A 267 -1.19 -14.54 -12.60
C ARG A 267 -2.21 -15.16 -11.65
N TYR A 268 -1.88 -15.19 -10.35
CA TYR A 268 -2.76 -15.85 -9.37
C TYR A 268 -3.70 -14.89 -8.65
N GLY A 269 -3.74 -13.63 -9.07
CA GLY A 269 -4.75 -12.69 -8.57
C GLY A 269 -4.28 -11.62 -7.59
N VAL A 270 -2.96 -11.40 -7.48
CA VAL A 270 -2.48 -10.23 -6.75
C VAL A 270 -2.88 -8.94 -7.48
N VAL A 271 -3.57 -8.05 -6.76
CA VAL A 271 -4.04 -6.77 -7.34
C VAL A 271 -3.38 -5.56 -6.64
N LYS A 272 -2.64 -5.83 -5.56
CA LYS A 272 -2.01 -4.76 -4.77
C LYS A 272 -0.68 -5.31 -4.26
N MET A 273 0.42 -4.61 -4.57
CA MET A 273 1.71 -4.99 -4.02
C MET A 273 2.26 -3.83 -3.22
N ASN A 274 2.57 -4.11 -1.96
CA ASN A 274 3.04 -3.10 -1.03
C ASN A 274 4.52 -2.85 -1.26
N VAL A 275 4.91 -1.57 -1.31
N VAL A 275 4.87 -1.56 -1.31
CA VAL A 275 6.33 -1.25 -1.43
CA VAL A 275 6.27 -1.15 -1.45
C VAL A 275 6.71 -0.11 -0.48
C VAL A 275 6.62 -0.15 -0.35
N ASP A 276 7.71 -0.40 0.35
CA ASP A 276 8.19 0.54 1.36
C ASP A 276 9.70 0.62 1.37
N THR A 277 10.38 -0.47 1.68
CA THR A 277 11.84 -0.45 1.79
CA THR A 277 11.84 -0.41 1.81
C THR A 277 12.51 0.16 0.55
N ASP A 278 12.09 -0.28 -0.64
CA ASP A 278 12.76 0.19 -1.85
C ASP A 278 12.54 1.68 -2.13
N THR A 279 11.36 2.18 -1.80
CA THR A 279 11.11 3.61 -1.94
C THR A 279 11.85 4.42 -0.85
N GLN A 280 12.03 3.83 0.34
CA GLN A 280 12.86 4.44 1.39
C GLN A 280 14.28 4.64 0.89
N TYR A 281 14.86 3.59 0.31
CA TYR A 281 16.24 3.71 -0.17
C TYR A 281 16.32 4.77 -1.27
N ALA A 282 15.34 4.77 -2.19
CA ALA A 282 15.33 5.72 -3.29
C ALA A 282 15.24 7.15 -2.78
N PHE A 283 14.43 7.36 -1.74
CA PHE A 283 14.28 8.70 -1.15
C PHE A 283 15.59 9.16 -0.49
N THR A 284 16.20 8.29 0.30
CA THR A 284 17.36 8.67 1.09
C THR A 284 18.63 8.81 0.26
N ARG A 285 18.77 7.99 -0.78
CA ARG A 285 20.03 7.90 -1.51
C ARG A 285 20.58 9.25 -1.99
N PRO A 286 19.76 10.10 -2.62
CA PRO A 286 20.30 11.40 -3.03
C PRO A 286 20.55 12.36 -1.88
N ILE A 287 19.86 12.16 -0.76
CA ILE A 287 20.11 12.99 0.42
C ILE A 287 21.53 12.67 0.93
N ALA A 288 21.84 11.38 1.03
CA ALA A 288 23.18 10.97 1.43
C ALA A 288 24.20 11.63 0.49
N GLY A 289 24.02 11.49 -0.81
CA GLY A 289 24.96 12.05 -1.78
C GLY A 289 25.12 13.56 -1.62
N HIS A 290 24.00 14.25 -1.38
CA HIS A 290 24.02 15.70 -1.21
C HIS A 290 24.88 16.11 -0.01
N MET A 291 24.74 15.40 1.11
CA MET A 291 25.46 15.75 2.32
C MET A 291 26.97 15.56 2.11
N PHE A 292 27.37 14.49 1.44
CA PHE A 292 28.79 14.24 1.23
CA PHE A 292 28.80 14.21 1.19
C PHE A 292 29.40 15.26 0.27
N THR A 293 28.80 15.47 -0.90
N THR A 293 28.76 15.43 -0.88
CA THR A 293 29.41 16.39 -1.86
CA THR A 293 29.21 16.36 -1.92
C THR A 293 29.33 17.84 -1.40
C THR A 293 29.36 17.76 -1.33
N ASN A 294 28.38 18.14 -0.51
CA ASN A 294 28.26 19.50 0.05
C ASN A 294 28.68 19.56 1.52
N TYR A 295 29.62 18.71 1.93
CA TYR A 295 29.93 18.57 3.36
C TYR A 295 30.28 19.91 4.02
N ASP A 296 30.96 20.78 3.28
CA ASP A 296 31.44 22.06 3.82
C ASP A 296 30.43 23.18 3.64
N GLY A 297 29.27 22.82 3.12
CA GLY A 297 28.12 23.73 3.01
C GLY A 297 27.04 23.40 4.02
N VAL A 298 26.82 22.10 4.24
CA VAL A 298 25.82 21.66 5.23
C VAL A 298 26.36 21.63 6.66
N LEU A 299 27.69 21.72 6.79
CA LEU A 299 28.36 21.89 8.09
C LEU A 299 29.08 23.22 8.11
N LYS A 300 29.06 23.86 9.29
CA LYS A 300 29.84 25.07 9.55
C LYS A 300 31.22 24.59 9.98
N VAL A 301 32.18 24.67 9.05
N VAL A 301 32.19 24.71 9.07
CA VAL A 301 33.51 24.08 9.28
CA VAL A 301 33.52 24.08 9.21
C VAL A 301 34.61 25.15 9.31
C VAL A 301 34.65 25.12 9.25
N ASP A 302 35.59 24.93 10.18
CA ASP A 302 36.80 25.78 10.25
C ASP A 302 36.50 27.26 10.41
N GLY A 303 35.42 27.55 11.13
CA GLY A 303 35.02 28.93 11.42
C GLY A 303 34.12 29.55 10.36
N GLU A 304 33.82 28.81 9.29
CA GLU A 304 32.91 29.29 8.24
C GLU A 304 31.46 29.07 8.65
N VAL A 305 30.53 29.70 7.92
N VAL A 305 30.55 29.67 7.89
CA VAL A 305 29.12 29.68 8.30
CA VAL A 305 29.14 29.71 8.27
C VAL A 305 28.23 28.79 7.44
C VAL A 305 28.24 28.78 7.45
N GLY A 306 28.84 27.86 6.69
CA GLY A 306 28.08 26.98 5.82
C GLY A 306 27.53 27.73 4.61
N VAL A 307 26.68 27.06 3.84
CA VAL A 307 26.14 27.61 2.60
C VAL A 307 24.63 27.36 2.58
N LYS A 308 23.86 28.42 2.79
CA LYS A 308 22.41 28.31 2.90
C LYS A 308 21.76 27.58 1.74
N LYS A 309 22.25 27.80 0.52
N LYS A 309 22.26 27.81 0.53
CA LYS A 309 21.61 27.19 -0.65
CA LYS A 309 21.66 27.20 -0.65
C LYS A 309 21.74 25.66 -0.70
C LYS A 309 21.64 25.67 -0.58
N VAL A 310 22.61 25.10 0.12
CA VAL A 310 22.70 23.63 0.23
C VAL A 310 22.22 23.09 1.58
N TYR A 311 22.07 23.94 2.60
CA TYR A 311 21.43 23.45 3.82
C TYR A 311 19.93 23.76 3.88
N ASP A 312 19.44 24.51 2.91
CA ASP A 312 18.01 24.66 2.67
C ASP A 312 17.43 23.25 2.44
N PRO A 313 16.51 22.79 3.31
CA PRO A 313 15.97 21.43 3.13
C PRO A 313 15.41 21.13 1.74
N ARG A 314 14.86 22.15 1.08
CA ARG A 314 14.32 21.92 -0.27
C ARG A 314 15.40 21.42 -1.22
N SER A 315 16.65 21.82 -1.01
CA SER A 315 17.69 21.50 -2.00
C SER A 315 17.88 20.00 -2.15
N TYR A 316 17.96 19.29 -1.04
CA TYR A 316 18.09 17.81 -1.08
C TYR A 316 16.75 17.09 -1.11
N LEU A 317 15.71 17.66 -0.50
CA LEU A 317 14.40 16.98 -0.51
C LEU A 317 13.75 16.94 -1.89
N LYS A 318 14.01 17.94 -2.74
N LYS A 318 14.03 17.91 -2.76
CA LYS A 318 13.58 17.85 -4.13
CA LYS A 318 13.54 17.82 -4.15
C LYS A 318 14.20 16.62 -4.79
C LYS A 318 14.25 16.70 -4.93
N LYS A 319 15.50 16.43 -4.57
CA LYS A 319 16.23 15.30 -5.16
C LYS A 319 15.66 13.98 -4.63
N ALA A 320 15.41 13.93 -3.32
CA ALA A 320 14.80 12.75 -2.67
C ALA A 320 13.45 12.45 -3.32
N GLU A 321 12.61 13.47 -3.45
N GLU A 321 12.60 13.46 -3.44
CA GLU A 321 11.29 13.33 -4.08
CA GLU A 321 11.30 13.28 -4.07
C GLU A 321 11.36 12.77 -5.50
C GLU A 321 11.44 12.68 -5.47
N ALA A 322 12.24 13.33 -6.32
CA ALA A 322 12.37 12.90 -7.71
C ALA A 322 12.86 11.44 -7.79
N SER A 323 13.77 11.07 -6.89
CA SER A 323 14.34 9.73 -6.90
C SER A 323 13.27 8.72 -6.48
N MET A 324 12.53 9.03 -5.43
CA MET A 324 11.46 8.14 -5.01
C MET A 324 10.40 8.02 -6.10
N SER A 325 10.07 9.11 -6.80
CA SER A 325 9.10 9.04 -7.89
C SER A 325 9.56 8.05 -8.97
N GLN A 326 10.86 8.09 -9.30
CA GLN A 326 11.42 7.19 -10.32
C GLN A 326 11.23 5.72 -9.89
N ARG A 327 11.41 5.44 -8.60
CA ARG A 327 11.24 4.06 -8.12
C ARG A 327 9.78 3.64 -8.17
N VAL A 328 8.89 4.61 -7.94
CA VAL A 328 7.45 4.34 -8.07
C VAL A 328 7.07 4.07 -9.53
N VAL A 329 7.64 4.83 -10.47
CA VAL A 329 7.44 4.51 -11.90
C VAL A 329 7.87 3.06 -12.19
N GLN A 330 9.03 2.67 -11.67
CA GLN A 330 9.50 1.30 -11.85
C GLN A 330 8.48 0.28 -11.34
N ALA A 331 7.92 0.54 -10.15
CA ALA A 331 6.89 -0.34 -9.58
C ALA A 331 5.67 -0.46 -10.49
N CYS A 332 5.21 0.65 -11.06
CA CYS A 332 4.07 0.61 -12.01
C CYS A 332 4.38 -0.21 -13.26
N ASN A 333 5.62 -0.16 -13.74
N ASN A 333 5.62 -0.11 -13.75
CA ASN A 333 5.98 -0.98 -14.89
CA ASN A 333 6.04 -0.94 -14.88
C ASN A 333 6.18 -2.45 -14.54
C ASN A 333 6.02 -2.40 -14.46
N ASP A 334 6.69 -2.71 -13.33
CA ASP A 334 6.82 -4.10 -12.85
C ASP A 334 5.47 -4.78 -12.62
N LEU A 335 4.49 -3.99 -12.21
CA LEU A 335 3.16 -4.52 -11.88
C LEU A 335 2.17 -4.42 -13.03
N HIS A 336 2.62 -3.81 -14.13
CA HIS A 336 1.84 -3.71 -15.38
C HIS A 336 0.58 -2.85 -15.28
N CYS A 337 0.61 -1.89 -14.35
CA CYS A 337 -0.44 -0.87 -14.28
C CYS A 337 -0.05 0.44 -14.99
N ALA A 338 1.23 0.57 -15.34
CA ALA A 338 1.66 1.76 -16.10
C ALA A 338 0.87 1.89 -17.38
N GLY A 339 0.44 3.10 -17.69
CA GLY A 339 -0.29 3.39 -18.92
C GLY A 339 -1.74 2.97 -18.90
N LYS A 340 -2.24 2.56 -17.73
CA LYS A 340 -3.59 2.01 -17.61
C LYS A 340 -4.54 2.77 -16.67
N SER A 341 -4.14 3.97 -16.25
CA SER A 341 -5.03 4.78 -15.41
C SER A 341 -6.43 4.86 -16.01
N LEU A 342 -7.44 4.72 -15.15
CA LEU A 342 -8.84 4.73 -15.59
C LEU A 342 -9.35 6.10 -16.06
N THR A 343 -8.51 7.12 -15.97
CA THR A 343 -8.88 8.43 -16.54
C THR A 343 -8.50 8.55 -18.03
N HIS A 344 -7.67 7.62 -18.52
N HIS A 344 -7.71 7.60 -18.50
CA HIS A 344 -7.26 7.58 -19.94
CA HIS A 344 -7.33 7.49 -19.93
C HIS A 344 -6.65 8.87 -20.48
C HIS A 344 -6.75 8.79 -20.52
N HIS A 345 -5.70 9.43 -19.73
N HIS A 345 -5.88 9.41 -19.73
CA HIS A 345 -4.90 10.57 -20.19
CA HIS A 345 -4.99 10.46 -20.24
C HIS A 345 -3.61 10.09 -20.84
C HIS A 345 -3.78 9.78 -20.84
N HIS A 346 -3.64 9.88 -22.15
CA HIS A 346 -2.55 9.25 -22.86
C HIS A 346 -1.62 10.27 -23.52
P 13P B . 8.89 -3.87 1.78
O1P 13P B . 9.74 -5.12 1.72
O2P 13P B . 8.52 -3.36 0.41
O3P 13P B . 9.41 -2.85 2.75
O1 13P B . 7.45 -4.29 2.39
C1 13P B . 6.23 -3.72 1.86
C2 13P B . 5.08 -3.70 2.84
O2 13P B . 4.39 -4.70 3.04
C3 13P B . 4.72 -2.42 3.56
O3 13P B . 5.32 -2.39 4.86
P 13P C . 8.47 -3.78 2.15
O1P 13P C . 9.34 -5.02 2.22
O2P 13P C . 8.86 -2.72 3.14
O3P 13P C . 8.25 -3.29 0.73
O1 13P C . 7.00 -4.23 2.67
C1 13P C . 5.80 -3.51 2.31
C2 13P C . 4.62 -3.85 3.19
O2 13P C . 4.02 -5.05 3.12
C3 13P C . 4.11 -2.95 4.04
O3 13P C . 3.06 -3.31 4.78
ZN ZN D . 3.06 -5.42 5.06
ZN ZN E . -6.84 4.33 -22.37
NA NA F . 10.64 -7.32 0.91
#